data_8GI9
#
_entry.id   8GI9
#
_cell.length_a   1.00
_cell.length_b   1.00
_cell.length_c   1.00
_cell.angle_alpha   90.00
_cell.angle_beta   90.00
_cell.angle_gamma   90.00
#
_symmetry.space_group_name_H-M   'P 1'
#
loop_
_entity.id
_entity.type
_entity.pdbx_description
1 polymer 'Cation Channelrhodopsin'
2 non-polymer RETINAL
3 non-polymer 'SODIUM ION'
4 non-polymer CHOLESTEROL
5 non-polymer 1,2-dioleoyl-sn-glycero-3-phosphoethanolamine
6 water water
#
_entity_poly.entity_id   1
_entity_poly.type   'polypeptide(L)'
_entity_poly.pdbx_seq_one_letter_code
;MPFCGGRPEDGWHHGSIHDMDYPLLGAMAAICSVFIGGSGAWMLYRLDLGLGYSCKPHHSGYAPEANSFSALSCLVSGTI
YAAKTFDFFDGGGTPFSFNWYWYLDYVFTCPLILLDVLYTLEIPHKLRFVFAVIITLWCGVAAFVTPSAFRFGYYAVGCV
WFVPFSFSLLRHVKQRYQVYPPKCQKLLFWACTIFFGFWPLFPILFLFSWLGTGHIDQQAFTIIHAFLDLFCKTVFGLIM
TFFRLELEEHTEVLGLPLNEPKGKH
;
_entity_poly.pdbx_strand_id   A
#
loop_
_chem_comp.id
_chem_comp.type
_chem_comp.name
_chem_comp.formula
CLR non-polymer CHOLESTEROL 'C27 H46 O'
NA non-polymer 'SODIUM ION' 'Na 1'
PEE non-polymer 1,2-dioleoyl-sn-glycero-3-phosphoethanolamine 'C41 H78 N O8 P'
RET non-polymer RETINAL 'C20 H28 O'
#
# COMPACT_ATOMS: atom_id res chain seq x y z
N ILE A 17 -4.02 27.57 3.64
CA ILE A 17 -5.16 26.97 4.31
C ILE A 17 -5.90 26.06 3.33
N HIS A 18 -7.18 25.82 3.58
CA HIS A 18 -7.99 24.94 2.73
C HIS A 18 -8.47 25.71 1.50
N ASP A 19 -7.50 26.05 0.65
CA ASP A 19 -7.76 26.57 -0.69
C ASP A 19 -6.98 25.63 -1.62
N MET A 20 -7.63 24.53 -1.99
CA MET A 20 -6.95 23.41 -2.64
C MET A 20 -7.49 23.09 -4.01
N ASP A 21 -8.39 23.90 -4.55
CA ASP A 21 -8.99 23.65 -5.85
C ASP A 21 -9.57 22.23 -5.92
N TYR A 22 -10.58 22.03 -5.08
CA TYR A 22 -11.20 20.71 -4.95
C TYR A 22 -11.63 20.08 -6.26
N PRO A 23 -12.15 20.83 -7.25
CA PRO A 23 -12.44 20.20 -8.54
C PRO A 23 -11.25 19.48 -9.14
N LEU A 24 -10.04 20.03 -9.00
CA LEU A 24 -8.85 19.34 -9.47
C LEU A 24 -8.57 18.09 -8.65
N LEU A 25 -8.68 18.21 -7.33
CA LEU A 25 -8.41 17.05 -6.47
C LEU A 25 -9.52 16.01 -6.58
N GLY A 26 -10.78 16.46 -6.72
CA GLY A 26 -11.86 15.51 -6.94
C GLY A 26 -11.68 14.75 -8.24
N ALA A 27 -11.29 15.45 -9.31
CA ALA A 27 -11.01 14.77 -10.57
C ALA A 27 -9.83 13.81 -10.44
N MET A 28 -8.78 14.23 -9.74
CA MET A 28 -7.65 13.34 -9.49
C MET A 28 -8.07 12.15 -8.64
N ALA A 29 -8.87 12.39 -7.61
CA ALA A 29 -9.32 11.29 -6.75
C ALA A 29 -10.16 10.29 -7.55
N ALA A 30 -11.01 10.79 -8.45
CA ALA A 30 -11.84 9.90 -9.25
C ALA A 30 -10.98 8.98 -10.11
N ILE A 31 -9.91 9.51 -10.70
CA ILE A 31 -9.02 8.69 -11.52
C ILE A 31 -8.37 7.61 -10.68
N CYS A 32 -7.90 7.98 -9.49
CA CYS A 32 -7.24 7.01 -8.61
C CYS A 32 -8.21 5.90 -8.19
N SER A 33 -9.45 6.27 -7.88
CA SER A 33 -10.44 5.26 -7.48
C SER A 33 -10.69 4.26 -8.60
N VAL A 34 -10.82 4.76 -9.83
CA VAL A 34 -11.09 3.88 -10.96
C VAL A 34 -9.89 2.98 -11.24
N PHE A 35 -8.70 3.57 -11.30
CA PHE A 35 -7.51 2.79 -11.64
C PHE A 35 -7.10 1.86 -10.50
N ILE A 36 -7.06 2.39 -9.27
CA ILE A 36 -6.74 1.54 -8.14
C ILE A 36 -7.86 0.55 -7.87
N GLY A 37 -9.10 1.03 -7.86
CA GLY A 37 -10.23 0.14 -7.67
C GLY A 37 -10.37 -0.86 -8.80
N GLY A 38 -10.20 -0.40 -10.04
CA GLY A 38 -10.29 -1.32 -11.17
C GLY A 38 -9.20 -2.36 -11.17
N SER A 39 -7.98 -1.97 -10.79
CA SER A 39 -6.89 -2.93 -10.71
C SER A 39 -7.17 -4.02 -9.68
N GLY A 40 -7.73 -3.63 -8.53
CA GLY A 40 -8.10 -4.63 -7.54
C GLY A 40 -9.17 -5.58 -8.06
N ALA A 41 -10.15 -5.05 -8.79
CA ALA A 41 -11.17 -5.91 -9.38
C ALA A 41 -10.57 -6.87 -10.39
N TRP A 42 -9.63 -6.40 -11.20
CA TRP A 42 -8.98 -7.28 -12.16
C TRP A 42 -8.22 -8.40 -11.47
N MET A 43 -7.53 -8.08 -10.37
CA MET A 43 -6.77 -9.10 -9.65
C MET A 43 -7.68 -10.16 -9.04
N LEU A 44 -8.88 -9.77 -8.58
CA LEU A 44 -9.83 -10.76 -8.10
C LEU A 44 -10.22 -11.72 -9.21
N TYR A 45 -10.45 -11.20 -10.41
CA TYR A 45 -10.82 -12.05 -11.54
C TYR A 45 -9.72 -13.04 -11.85
N ARG A 46 -8.46 -12.60 -11.80
CA ARG A 46 -7.35 -13.50 -12.11
C ARG A 46 -7.17 -14.56 -11.03
N LEU A 47 -7.56 -14.27 -9.79
CA LEU A 47 -7.39 -15.24 -8.72
C LEU A 47 -8.18 -16.52 -8.99
N ASP A 48 -9.47 -16.38 -9.29
CA ASP A 48 -10.33 -17.53 -9.56
C ASP A 48 -10.32 -17.88 -11.05
N LEU A 49 -9.13 -18.01 -11.60
CA LEU A 49 -8.94 -18.42 -12.99
C LEU A 49 -7.94 -19.57 -13.12
N GLY A 50 -6.91 -19.58 -12.29
CA GLY A 50 -5.92 -20.65 -12.36
C GLY A 50 -4.81 -20.39 -11.36
N LEU A 51 -3.83 -21.31 -11.37
CA LEU A 51 -2.70 -21.19 -10.46
C LEU A 51 -1.66 -20.20 -11.00
N GLY A 52 -1.09 -20.50 -12.16
CA GLY A 52 -0.09 -19.63 -12.76
C GLY A 52 -0.54 -19.09 -14.10
N TYR A 53 0.39 -18.98 -15.05
CA TYR A 53 0.03 -18.53 -16.39
C TYR A 53 -0.95 -19.50 -17.03
N SER A 54 -0.72 -20.80 -16.86
CA SER A 54 -1.67 -21.79 -17.34
C SER A 54 -2.90 -21.83 -16.46
N CYS A 55 -4.01 -22.26 -17.05
CA CYS A 55 -5.28 -22.32 -16.33
C CYS A 55 -5.40 -23.60 -15.53
N LYS A 56 -4.41 -23.88 -14.70
CA LYS A 56 -4.44 -25.09 -13.88
C LYS A 56 -5.35 -24.87 -12.68
N PRO A 57 -6.33 -25.75 -12.44
CA PRO A 57 -7.20 -25.57 -11.27
C PRO A 57 -6.40 -25.58 -9.97
N HIS A 58 -6.87 -24.78 -9.02
CA HIS A 58 -6.19 -24.68 -7.74
C HIS A 58 -6.29 -25.99 -6.97
N HIS A 59 -5.31 -26.22 -6.09
CA HIS A 59 -5.31 -27.43 -5.28
C HIS A 59 -6.54 -27.49 -4.38
N SER A 60 -6.87 -26.36 -3.72
CA SER A 60 -8.08 -26.31 -2.92
C SER A 60 -9.32 -26.24 -3.80
N GLY A 61 -9.19 -25.69 -5.00
CA GLY A 61 -10.27 -25.65 -5.96
C GLY A 61 -10.71 -24.25 -6.34
N TYR A 62 -10.87 -23.37 -5.34
CA TYR A 62 -11.25 -21.99 -5.59
C TYR A 62 -10.04 -21.06 -5.64
N ALA A 63 -9.33 -20.94 -4.52
CA ALA A 63 -8.12 -20.11 -4.43
C ALA A 63 -7.53 -20.21 -3.03
N PRO A 64 -6.23 -19.97 -2.86
CA PRO A 64 -5.69 -19.84 -1.50
C PRO A 64 -6.27 -18.62 -0.81
N GLU A 65 -6.39 -18.73 0.52
CA GLU A 65 -6.97 -17.64 1.30
C GLU A 65 -6.05 -16.43 1.36
N ALA A 66 -4.75 -16.63 1.21
CA ALA A 66 -3.76 -15.57 1.37
C ALA A 66 -3.41 -14.87 0.06
N ASN A 67 -4.02 -15.26 -1.05
CA ASN A 67 -3.73 -14.63 -2.33
C ASN A 67 -4.61 -13.41 -2.60
N SER A 68 -5.57 -13.12 -1.74
CA SER A 68 -6.50 -12.02 -1.97
C SER A 68 -6.05 -10.70 -1.35
N PHE A 69 -4.91 -10.68 -0.66
CA PHE A 69 -4.48 -9.44 -0.01
C PHE A 69 -4.09 -8.38 -1.03
N SER A 70 -3.46 -8.78 -2.13
CA SER A 70 -3.13 -7.83 -3.18
C SER A 70 -4.39 -7.24 -3.81
N ALA A 71 -5.39 -8.08 -4.06
CA ALA A 71 -6.64 -7.60 -4.64
C ALA A 71 -7.42 -6.75 -3.64
N LEU A 72 -7.46 -7.18 -2.37
CA LEU A 72 -8.24 -6.45 -1.38
C LEU A 72 -7.64 -5.09 -1.07
N SER A 73 -6.31 -4.98 -1.07
CA SER A 73 -5.69 -3.69 -0.76
C SER A 73 -6.06 -2.63 -1.80
N CYS A 74 -6.10 -3.02 -3.08
CA CYS A 74 -6.50 -2.07 -4.12
C CYS A 74 -8.00 -1.80 -4.08
N LEU A 75 -8.80 -2.83 -3.83
CA LEU A 75 -10.24 -2.63 -3.73
C LEU A 75 -10.60 -1.71 -2.59
N VAL A 76 -9.98 -1.90 -1.42
CA VAL A 76 -10.22 -1.03 -0.29
C VAL A 76 -9.73 0.38 -0.58
N SER A 77 -8.54 0.50 -1.16
CA SER A 77 -8.01 1.81 -1.51
C SER A 77 -8.86 2.48 -2.60
N GLY A 78 -9.29 1.71 -3.59
CA GLY A 78 -10.18 2.25 -4.60
C GLY A 78 -11.48 2.74 -4.02
N THR A 79 -12.03 1.99 -3.05
CA THR A 79 -13.25 2.43 -2.37
C THR A 79 -12.99 3.69 -1.55
N ILE A 80 -11.85 3.75 -0.86
CA ILE A 80 -11.54 4.93 -0.05
C ILE A 80 -11.33 6.15 -0.93
N TYR A 81 -10.67 5.98 -2.08
CA TYR A 81 -10.53 7.09 -3.01
C TYR A 81 -11.87 7.52 -3.58
N ALA A 82 -12.82 6.59 -3.70
CA ALA A 82 -14.18 6.97 -4.06
C ALA A 82 -14.79 7.87 -2.99
N ALA A 83 -14.54 7.55 -1.71
CA ALA A 83 -14.98 8.41 -0.63
C ALA A 83 -14.27 9.76 -0.70
N LYS A 84 -12.98 9.77 -1.01
CA LYS A 84 -12.26 11.02 -1.20
C LYS A 84 -12.86 11.84 -2.34
N THR A 85 -13.25 11.17 -3.43
CA THR A 85 -13.83 11.88 -4.56
C THR A 85 -15.11 12.59 -4.15
N PHE A 86 -15.97 11.93 -3.37
CA PHE A 86 -17.18 12.58 -2.88
C PHE A 86 -16.84 13.75 -1.98
N ASP A 87 -15.85 13.59 -1.10
CA ASP A 87 -15.49 14.65 -0.17
C ASP A 87 -14.97 15.88 -0.90
N PHE A 88 -14.14 15.67 -1.92
CA PHE A 88 -13.59 16.81 -2.66
C PHE A 88 -14.68 17.52 -3.45
N PHE A 89 -15.48 16.78 -4.21
CA PHE A 89 -16.53 17.39 -5.03
C PHE A 89 -17.63 18.01 -4.19
N ASP A 90 -17.79 17.58 -2.94
CA ASP A 90 -18.83 18.16 -2.09
C ASP A 90 -18.48 19.58 -1.66
N GLY A 91 -17.25 20.03 -1.89
CA GLY A 91 -16.84 21.39 -1.59
C GLY A 91 -15.82 21.52 -0.48
N GLY A 92 -15.35 20.43 0.11
CA GLY A 92 -14.38 20.49 1.18
C GLY A 92 -14.75 19.64 2.37
N GLY A 93 -14.90 20.28 3.53
CA GLY A 93 -15.25 19.57 4.74
C GLY A 93 -16.55 18.81 4.64
N THR A 94 -16.52 17.53 5.00
CA THR A 94 -17.69 16.65 4.93
C THR A 94 -17.76 15.86 6.22
N PRO A 95 -18.96 15.51 6.70
CA PRO A 95 -19.03 14.72 7.94
C PRO A 95 -18.25 13.42 7.88
N PHE A 96 -18.24 12.76 6.72
CA PHE A 96 -17.49 11.51 6.51
C PHE A 96 -16.41 11.81 5.48
N SER A 97 -15.27 12.31 5.96
CA SER A 97 -14.18 12.74 5.09
C SER A 97 -12.91 12.01 5.48
N PHE A 98 -12.31 11.31 4.51
CA PHE A 98 -10.98 10.73 4.73
C PHE A 98 -9.88 11.76 4.56
N ASN A 99 -10.18 12.91 3.98
CA ASN A 99 -9.17 13.94 3.76
C ASN A 99 -8.93 14.79 4.99
N TRP A 100 -9.82 14.74 5.98
CA TRP A 100 -9.63 15.55 7.18
C TRP A 100 -8.55 14.96 8.09
N TYR A 101 -8.51 13.64 8.21
CA TYR A 101 -7.52 12.93 9.02
C TYR A 101 -6.56 12.23 8.08
N TRP A 102 -5.42 12.88 7.80
CA TRP A 102 -4.42 12.29 6.93
C TRP A 102 -3.86 11.02 7.55
N TYR A 103 -3.53 10.06 6.68
CA TYR A 103 -2.96 8.76 7.04
C TYR A 103 -3.96 7.85 7.73
N LEU A 104 -5.17 8.32 8.00
CA LEU A 104 -6.19 7.44 8.58
C LEU A 104 -6.60 6.35 7.60
N ASP A 105 -6.68 6.70 6.31
CA ASP A 105 -7.03 5.70 5.30
C ASP A 105 -5.99 4.62 5.19
N TYR A 106 -4.70 4.97 5.32
CA TYR A 106 -3.64 3.98 5.20
C TYR A 106 -3.64 2.97 6.34
N VAL A 107 -4.35 3.24 7.43
CA VAL A 107 -4.40 2.30 8.54
C VAL A 107 -5.07 1.00 8.10
N PHE A 108 -6.08 1.10 7.23
CA PHE A 108 -6.83 -0.05 6.78
C PHE A 108 -6.35 -0.60 5.45
N THR A 109 -5.30 -0.04 4.87
CA THR A 109 -4.76 -0.50 3.60
C THR A 109 -3.33 -1.02 3.70
N CYS A 110 -2.46 -0.34 4.44
CA CYS A 110 -1.08 -0.81 4.56
C CYS A 110 -0.98 -2.21 5.14
N PRO A 111 -1.73 -2.60 6.17
CA PRO A 111 -1.64 -3.99 6.63
C PRO A 111 -1.96 -5.00 5.54
N LEU A 112 -2.92 -4.69 4.68
CA LEU A 112 -3.22 -5.59 3.56
C LEU A 112 -2.06 -5.67 2.59
N ILE A 113 -1.43 -4.52 2.28
CA ILE A 113 -0.25 -4.53 1.43
C ILE A 113 0.88 -5.32 2.08
N LEU A 114 1.09 -5.09 3.38
CA LEU A 114 2.13 -5.81 4.10
C LEU A 114 1.83 -7.31 4.16
N LEU A 115 0.58 -7.68 4.45
CA LEU A 115 0.23 -9.09 4.51
C LEU A 115 0.40 -9.77 3.16
N ASP A 116 0.29 -9.01 2.06
CA ASP A 116 0.57 -9.58 0.75
C ASP A 116 2.03 -10.04 0.66
N VAL A 117 2.96 -9.23 1.16
CA VAL A 117 4.36 -9.61 1.14
C VAL A 117 4.61 -10.78 2.09
N LEU A 118 4.05 -10.72 3.30
CA LEU A 118 4.35 -11.73 4.31
C LEU A 118 3.86 -13.11 3.88
N TYR A 119 2.63 -13.21 3.40
CA TYR A 119 2.08 -14.51 3.02
C TYR A 119 2.65 -14.99 1.70
N THR A 120 2.82 -14.08 0.73
CA THR A 120 3.37 -14.48 -0.55
C THR A 120 4.79 -15.03 -0.39
N LEU A 121 5.61 -14.38 0.43
CA LEU A 121 6.97 -14.81 0.65
C LEU A 121 7.12 -15.75 1.84
N GLU A 122 6.05 -15.99 2.60
CA GLU A 122 6.10 -16.87 3.77
C GLU A 122 7.08 -16.33 4.82
N ILE A 123 7.07 -15.03 5.02
CA ILE A 123 7.96 -14.40 6.00
C ILE A 123 7.39 -14.63 7.40
N PRO A 124 8.19 -15.17 8.35
CA PRO A 124 7.65 -15.36 9.71
C PRO A 124 7.39 -14.04 10.42
N HIS A 125 6.92 -14.14 11.68
CA HIS A 125 6.65 -12.94 12.49
C HIS A 125 5.59 -12.06 11.84
N LYS A 126 4.56 -12.69 11.28
CA LYS A 126 3.52 -11.94 10.59
C LYS A 126 2.69 -11.11 11.57
N LEU A 127 2.60 -11.53 12.83
CA LEU A 127 1.83 -10.77 13.81
C LEU A 127 2.57 -9.51 14.24
N ARG A 128 3.89 -9.62 14.45
CA ARG A 128 4.67 -8.45 14.85
C ARG A 128 4.70 -7.40 13.76
N PHE A 129 4.87 -7.81 12.51
CA PHE A 129 4.99 -6.85 11.41
C PHE A 129 3.71 -6.05 11.23
N VAL A 130 2.55 -6.72 11.32
CA VAL A 130 1.29 -6.01 11.11
C VAL A 130 1.07 -4.98 12.19
N PHE A 131 1.39 -5.30 13.45
CA PHE A 131 1.26 -4.33 14.51
C PHE A 131 2.23 -3.17 14.33
N ALA A 132 3.42 -3.44 13.79
CA ALA A 132 4.43 -2.39 13.63
C ALA A 132 4.03 -1.34 12.61
N VAL A 133 3.18 -1.69 11.64
CA VAL A 133 2.80 -0.75 10.59
C VAL A 133 1.52 -0.03 11.00
N ILE A 134 0.64 -0.72 11.73
CA ILE A 134 -0.60 -0.09 12.19
C ILE A 134 -0.28 1.00 13.21
N ILE A 135 0.61 0.71 14.15
CA ILE A 135 1.03 1.73 15.12
C ILE A 135 1.80 2.83 14.42
N THR A 136 2.59 2.47 13.40
CA THR A 136 3.33 3.48 12.64
C THR A 136 2.39 4.47 11.98
N LEU A 137 1.30 3.98 11.39
CA LEU A 137 0.36 4.87 10.72
C LEU A 137 -0.47 5.67 11.73
N TRP A 138 -0.83 5.04 12.85
CA TRP A 138 -1.61 5.75 13.86
C TRP A 138 -0.83 6.92 14.44
N CYS A 139 0.48 6.72 14.67
CA CYS A 139 1.33 7.84 15.07
C CYS A 139 1.32 8.94 14.02
N GLY A 140 1.21 8.56 12.74
CA GLY A 140 1.08 9.57 11.70
C GLY A 140 -0.24 10.31 11.78
N VAL A 141 -1.34 9.60 12.07
CA VAL A 141 -2.62 10.26 12.22
C VAL A 141 -2.59 11.22 13.40
N ALA A 142 -2.01 10.79 14.52
CA ALA A 142 -1.90 11.66 15.69
C ALA A 142 -0.94 12.81 15.43
N ALA A 143 0.15 12.54 14.70
CA ALA A 143 1.10 13.60 14.39
C ALA A 143 0.47 14.67 13.51
N PHE A 144 -0.43 14.28 12.61
CA PHE A 144 -1.03 15.24 11.69
C PHE A 144 -1.97 16.20 12.41
N VAL A 145 -2.85 15.66 13.26
CA VAL A 145 -3.87 16.50 13.91
C VAL A 145 -3.33 17.31 15.06
N THR A 146 -2.11 17.04 15.51
CA THR A 146 -1.52 17.81 16.61
C THR A 146 -1.04 19.15 16.09
N PRO A 147 -1.56 20.28 16.59
CA PRO A 147 -1.11 21.57 16.10
C PRO A 147 0.15 22.08 16.78
N SER A 148 0.47 21.51 17.94
CA SER A 148 1.58 22.00 18.74
C SER A 148 2.90 21.41 18.22
N ALA A 149 3.98 21.78 18.90
CA ALA A 149 5.30 21.26 18.54
C ALA A 149 5.44 19.77 18.81
N PHE A 150 4.50 19.17 19.53
CA PHE A 150 4.53 17.74 19.81
C PHE A 150 4.11 16.89 18.62
N ARG A 151 3.75 17.51 17.48
CA ARG A 151 3.45 16.73 16.30
C ARG A 151 4.65 15.89 15.87
N PHE A 152 5.86 16.37 16.15
CA PHE A 152 7.06 15.61 15.89
C PHE A 152 7.35 14.58 16.97
N GLY A 153 6.73 14.70 18.13
CA GLY A 153 6.79 13.63 19.11
C GLY A 153 6.11 12.37 18.61
N TYR A 154 4.91 12.51 18.05
CA TYR A 154 4.24 11.37 17.44
C TYR A 154 5.00 10.88 16.23
N TYR A 155 5.53 11.79 15.43
CA TYR A 155 6.33 11.41 14.27
C TYR A 155 7.55 10.61 14.69
N ALA A 156 8.25 11.04 15.74
CA ALA A 156 9.41 10.31 16.22
C ALA A 156 9.03 8.91 16.71
N VAL A 157 7.91 8.81 17.45
CA VAL A 157 7.45 7.51 17.91
C VAL A 157 7.10 6.61 16.73
N GLY A 158 6.50 7.20 15.69
CA GLY A 158 6.21 6.43 14.49
C GLY A 158 7.45 5.89 13.82
N CYS A 159 8.49 6.71 13.71
CA CYS A 159 9.75 6.26 13.13
C CYS A 159 10.42 5.20 13.99
N VAL A 160 10.25 5.26 15.31
CA VAL A 160 10.81 4.23 16.18
C VAL A 160 10.19 2.88 15.87
N TRP A 161 8.89 2.86 15.55
CA TRP A 161 8.25 1.62 15.14
C TRP A 161 8.59 1.25 13.70
N PHE A 162 8.83 2.25 12.84
CA PHE A 162 8.97 1.98 11.41
C PHE A 162 10.37 1.49 11.05
N VAL A 163 11.41 2.19 11.56
CA VAL A 163 12.78 1.85 11.15
C VAL A 163 13.14 0.42 11.52
N PRO A 164 12.94 -0.04 12.76
CA PRO A 164 13.18 -1.47 13.04
C PRO A 164 12.30 -2.38 12.21
N PHE A 165 11.08 -1.96 11.89
CA PHE A 165 10.19 -2.78 11.07
C PHE A 165 10.73 -2.92 9.66
N SER A 166 11.12 -1.81 9.03
CA SER A 166 11.61 -1.87 7.66
C SER A 166 12.93 -2.63 7.58
N PHE A 167 13.84 -2.38 8.52
CA PHE A 167 15.12 -3.10 8.50
C PHE A 167 14.93 -4.58 8.83
N SER A 168 14.10 -4.89 9.83
CA SER A 168 13.85 -6.28 10.17
C SER A 168 13.13 -7.01 9.05
N LEU A 169 12.14 -6.35 8.44
CA LEU A 169 11.44 -6.96 7.31
C LEU A 169 12.34 -7.10 6.11
N LEU A 170 13.21 -6.12 5.88
CA LEU A 170 14.14 -6.21 4.76
C LEU A 170 15.06 -7.42 4.89
N ARG A 171 15.55 -7.68 6.10
CA ARG A 171 16.44 -8.82 6.30
C ARG A 171 15.74 -10.13 5.94
N HIS A 172 14.47 -10.26 6.31
CA HIS A 172 13.72 -11.48 5.99
C HIS A 172 13.57 -11.66 4.49
N VAL A 173 13.31 -10.57 3.76
CA VAL A 173 13.13 -10.66 2.32
C VAL A 173 14.43 -11.10 1.64
N LYS A 174 15.57 -10.59 2.12
CA LYS A 174 16.84 -11.01 1.54
C LYS A 174 17.09 -12.50 1.73
N GLN A 175 16.65 -13.06 2.86
CA GLN A 175 16.86 -14.47 3.11
C GLN A 175 16.13 -15.33 2.09
N ARG A 176 14.91 -14.98 1.74
CA ARG A 176 14.09 -15.75 0.82
C ARG A 176 14.20 -15.27 -0.62
N TYR A 177 14.95 -14.20 -0.88
CA TYR A 177 15.19 -13.79 -2.26
C TYR A 177 16.04 -14.79 -3.02
N GLN A 178 16.76 -15.67 -2.31
CA GLN A 178 17.68 -16.58 -2.96
C GLN A 178 17.00 -17.86 -3.44
N VAL A 179 16.01 -18.35 -2.71
CA VAL A 179 15.39 -19.63 -3.07
C VAL A 179 14.65 -19.53 -4.40
N TYR A 180 14.03 -18.39 -4.67
CA TYR A 180 13.23 -18.25 -5.87
C TYR A 180 14.11 -18.30 -7.12
N PRO A 181 13.58 -18.80 -8.23
CA PRO A 181 14.38 -18.88 -9.46
C PRO A 181 14.67 -17.50 -10.00
N PRO A 182 15.69 -17.34 -10.85
CA PRO A 182 16.03 -16.00 -11.34
C PRO A 182 14.87 -15.30 -12.02
N LYS A 183 14.00 -16.03 -12.71
CA LYS A 183 12.85 -15.40 -13.36
C LYS A 183 11.94 -14.75 -12.34
N CYS A 184 11.70 -15.42 -11.21
CA CYS A 184 10.88 -14.83 -10.15
C CYS A 184 11.63 -13.74 -9.39
N GLN A 185 12.96 -13.84 -9.31
CA GLN A 185 13.72 -12.83 -8.59
C GLN A 185 13.60 -11.45 -9.26
N LYS A 186 13.52 -11.42 -10.59
CA LYS A 186 13.37 -10.15 -11.28
C LYS A 186 12.07 -9.45 -10.87
N LEU A 187 10.99 -10.22 -10.75
CA LEU A 187 9.72 -9.63 -10.32
C LEU A 187 9.77 -9.24 -8.84
N LEU A 188 10.49 -10.00 -8.02
CA LEU A 188 10.59 -9.64 -6.60
C LEU A 188 11.49 -8.44 -6.39
N PHE A 189 12.44 -8.20 -7.30
CA PHE A 189 13.29 -7.02 -7.19
C PHE A 189 12.48 -5.73 -7.29
N TRP A 190 11.52 -5.70 -8.23
CA TRP A 190 10.71 -4.50 -8.42
C TRP A 190 9.66 -4.34 -7.33
N ALA A 191 9.19 -5.44 -6.74
CA ALA A 191 8.33 -5.35 -5.58
C ALA A 191 9.10 -4.77 -4.39
N CYS A 192 10.34 -5.22 -4.20
CA CYS A 192 11.17 -4.67 -3.13
C CYS A 192 11.47 -3.20 -3.36
N THR A 193 11.68 -2.80 -4.61
CA THR A 193 11.97 -1.40 -4.90
C THR A 193 10.81 -0.51 -4.47
N ILE A 194 9.57 -0.92 -4.76
CA ILE A 194 8.42 -0.13 -4.35
C ILE A 194 8.22 -0.22 -2.84
N PHE A 195 8.30 -1.43 -2.29
CA PHE A 195 8.02 -1.60 -0.87
C PHE A 195 9.06 -0.91 -0.01
N PHE A 196 10.34 -1.08 -0.35
CA PHE A 196 11.43 -0.51 0.42
C PHE A 196 11.95 0.81 -0.15
N GLY A 197 11.34 1.32 -1.22
CA GLY A 197 11.77 2.56 -1.81
C GLY A 197 10.73 3.66 -1.74
N PHE A 198 9.46 3.28 -1.70
CA PHE A 198 8.36 4.25 -1.61
C PHE A 198 7.78 4.38 -0.22
N TRP A 199 7.72 3.29 0.55
CA TRP A 199 7.21 3.38 1.91
C TRP A 199 8.00 4.37 2.76
N PRO A 200 9.34 4.35 2.78
CA PRO A 200 10.07 5.37 3.52
C PRO A 200 9.97 6.75 2.92
N LEU A 201 9.33 6.90 1.77
CA LEU A 201 9.17 8.21 1.14
C LEU A 201 8.00 9.00 1.72
N PHE A 202 7.11 8.36 2.47
CA PHE A 202 5.99 9.05 3.10
C PHE A 202 6.45 9.85 4.31
N PRO A 203 7.20 9.26 5.25
CA PRO A 203 7.72 10.07 6.36
C PRO A 203 8.60 11.21 5.90
N ILE A 204 9.35 11.04 4.81
CA ILE A 204 10.14 12.14 4.27
C ILE A 204 9.23 13.27 3.81
N LEU A 205 8.14 12.93 3.13
CA LEU A 205 7.19 13.94 2.68
C LEU A 205 6.57 14.69 3.86
N PHE A 206 6.40 14.02 5.00
CA PHE A 206 5.83 14.69 6.16
C PHE A 206 6.73 15.82 6.64
N LEU A 207 8.04 15.59 6.64
CA LEU A 207 8.97 16.62 7.11
C LEU A 207 8.94 17.85 6.22
N PHE A 208 8.81 17.66 4.91
CA PHE A 208 8.82 18.77 3.96
C PHE A 208 7.43 19.36 3.71
N SER A 209 6.39 18.82 4.35
CA SER A 209 5.05 19.33 4.16
C SER A 209 4.88 20.66 4.89
N TRP A 210 3.68 21.23 4.77
CA TRP A 210 3.37 22.48 5.47
C TRP A 210 3.42 22.30 6.98
N LEU A 211 3.19 21.08 7.48
CA LEU A 211 3.34 20.83 8.90
C LEU A 211 4.80 20.88 9.32
N GLY A 212 5.71 20.44 8.45
CA GLY A 212 7.12 20.45 8.75
C GLY A 212 7.83 21.65 8.18
N THR A 213 8.72 21.42 7.21
CA THR A 213 9.53 22.50 6.66
C THR A 213 8.67 23.57 6.00
N GLY A 214 7.69 23.17 5.21
CA GLY A 214 6.82 24.09 4.51
C GLY A 214 7.00 24.16 3.01
N HIS A 215 7.76 23.24 2.42
CA HIS A 215 8.03 23.29 0.99
C HIS A 215 6.95 22.64 0.14
N ILE A 216 6.02 21.88 0.75
CA ILE A 216 4.95 21.20 0.03
C ILE A 216 3.63 21.68 0.61
N ASP A 217 2.83 22.34 -0.23
CA ASP A 217 1.52 22.80 0.21
C ASP A 217 0.55 21.62 0.28
N GLN A 218 -0.60 21.86 0.91
CA GLN A 218 -1.56 20.78 1.13
C GLN A 218 -2.09 20.25 -0.20
N GLN A 219 -2.37 21.14 -1.16
CA GLN A 219 -2.86 20.69 -2.45
C GLN A 219 -1.83 19.80 -3.16
N ALA A 220 -0.56 20.21 -3.15
CA ALA A 220 0.49 19.39 -3.75
C ALA A 220 0.74 18.14 -2.92
N PHE A 221 0.49 18.20 -1.61
CA PHE A 221 0.68 17.03 -0.76
C PHE A 221 -0.30 15.92 -1.15
N THR A 222 -1.55 16.28 -1.45
CA THR A 222 -2.53 15.28 -1.87
C THR A 222 -2.16 14.67 -3.22
N ILE A 223 -1.69 15.51 -4.16
CA ILE A 223 -1.38 15.02 -5.50
C ILE A 223 -0.24 14.02 -5.45
N ILE A 224 0.81 14.32 -4.68
CA ILE A 224 1.95 13.41 -4.60
C ILE A 224 1.53 12.09 -3.98
N HIS A 225 0.73 12.14 -2.91
CA HIS A 225 0.29 10.90 -2.28
C HIS A 225 -0.64 10.10 -3.20
N ALA A 226 -1.36 10.77 -4.09
CA ALA A 226 -2.16 10.06 -5.07
C ALA A 226 -1.28 9.22 -5.98
N PHE A 227 -0.15 9.77 -6.43
CA PHE A 227 0.77 9.01 -7.26
C PHE A 227 1.49 7.93 -6.47
N LEU A 228 1.80 8.18 -5.19
CA LEU A 228 2.44 7.16 -4.37
C LEU A 228 1.52 5.96 -4.17
N ASP A 229 0.23 6.20 -3.96
CA ASP A 229 -0.71 5.10 -3.80
C ASP A 229 -0.89 4.32 -5.10
N LEU A 230 -0.70 4.97 -6.24
CA LEU A 230 -0.75 4.25 -7.51
C LEU A 230 0.38 3.23 -7.60
N PHE A 231 1.57 3.60 -7.16
CA PHE A 231 2.70 2.68 -7.18
C PHE A 231 2.66 1.69 -6.02
N CYS A 232 2.27 2.15 -4.84
CA CYS A 232 2.32 1.30 -3.66
C CYS A 232 1.22 0.25 -3.65
N LYS A 233 0.12 0.48 -4.35
CA LYS A 233 -1.02 -0.43 -4.35
C LYS A 233 -1.25 -1.06 -5.71
N THR A 234 -1.43 -0.25 -6.75
CA THR A 234 -1.75 -0.80 -8.07
C THR A 234 -0.53 -1.47 -8.69
N VAL A 235 0.54 -0.71 -8.89
CA VAL A 235 1.75 -1.26 -9.50
C VAL A 235 2.31 -2.36 -8.62
N PHE A 236 2.41 -2.11 -7.32
CA PHE A 236 2.94 -3.12 -6.40
C PHE A 236 2.06 -4.36 -6.38
N GLY A 237 0.74 -4.17 -6.32
CA GLY A 237 -0.15 -5.32 -6.28
C GLY A 237 -0.07 -6.16 -7.55
N LEU A 238 0.04 -5.50 -8.71
CA LEU A 238 0.18 -6.24 -9.96
C LEU A 238 1.51 -6.98 -10.03
N ILE A 239 2.59 -6.36 -9.53
CA ILE A 239 3.89 -7.03 -9.52
C ILE A 239 3.82 -8.27 -8.64
N MET A 240 3.21 -8.15 -7.47
CA MET A 240 3.01 -9.31 -6.61
C MET A 240 2.15 -10.37 -7.29
N THR A 241 1.11 -9.92 -8.01
CA THR A 241 0.24 -10.88 -8.70
C THR A 241 1.01 -11.66 -9.75
N PHE A 242 1.82 -10.97 -10.56
CA PHE A 242 2.59 -11.65 -11.59
C PHE A 242 3.77 -12.43 -11.01
N PHE A 243 4.35 -11.94 -9.92
CA PHE A 243 5.34 -12.73 -9.21
C PHE A 243 4.73 -14.02 -8.68
N ARG A 244 3.53 -13.93 -8.13
CA ARG A 244 2.83 -15.13 -7.67
C ARG A 244 2.52 -16.07 -8.82
N LEU A 245 2.03 -15.53 -9.94
CA LEU A 245 1.76 -16.37 -11.10
C LEU A 245 3.03 -17.03 -11.62
N GLU A 246 4.12 -16.27 -11.70
CA GLU A 246 5.40 -16.84 -12.10
C GLU A 246 5.87 -17.89 -11.10
N LEU A 247 5.70 -17.61 -9.81
CA LEU A 247 6.11 -18.56 -8.78
C LEU A 247 5.33 -19.87 -8.89
N GLU A 248 4.00 -19.77 -9.05
CA GLU A 248 3.18 -20.97 -9.18
C GLU A 248 3.44 -21.68 -10.50
N GLU A 249 3.68 -20.92 -11.58
CA GLU A 249 3.93 -21.51 -12.89
C GLU A 249 5.20 -22.35 -12.90
N HIS A 250 6.10 -22.16 -11.93
CA HIS A 250 7.36 -22.89 -11.88
C HIS A 250 7.43 -23.90 -10.75
N THR A 251 6.65 -23.74 -9.69
CA THR A 251 6.74 -24.60 -8.51
C THR A 251 5.67 -25.68 -8.46
N GLU A 252 4.43 -25.35 -8.81
CA GLU A 252 3.32 -26.29 -8.67
C GLU A 252 2.55 -26.46 -9.98
N VAL A 253 3.21 -26.30 -11.12
CA VAL A 253 2.57 -26.51 -12.41
C VAL A 253 3.36 -27.52 -13.23
N LEU A 254 4.68 -27.61 -12.98
CA LEU A 254 5.50 -28.59 -13.67
C LEU A 254 6.57 -29.23 -12.79
N GLY A 255 6.60 -28.92 -11.49
CA GLY A 255 7.61 -29.48 -10.61
C GLY A 255 8.52 -28.43 -10.02
N LEU A 256 9.79 -28.47 -10.40
CA LEU A 256 10.77 -27.51 -9.88
C LEU A 256 11.86 -27.24 -10.91
C1 RET B . 4.07 8.36 8.67
C2 RET B . 4.20 9.16 9.98
C3 RET B . 5.48 9.27 10.57
C4 RET B . 6.19 7.97 10.73
C5 RET B . 6.08 7.07 9.53
C6 RET B . 5.08 7.16 8.62
C7 RET B . 4.95 6.10 7.56
C8 RET B . 4.04 5.87 6.62
C9 RET B . 4.01 4.79 5.63
C10 RET B . 2.97 4.77 4.78
C11 RET B . 2.66 3.86 3.72
C12 RET B . 1.58 3.97 2.95
C13 RET B . 1.17 3.10 1.84
C14 RET B . 0.03 3.42 1.20
C15 RET B . -0.59 2.74 0.08
C16 RET B . 2.59 7.98 8.75
C17 RET B . 4.19 9.29 7.46
C18 RET B . 7.39 6.30 9.40
C19 RET B . 5.11 3.77 5.64
C20 RET B . 2.02 1.92 1.50
NA NA C . 9.85 -0.22 4.34
NA NA D . 8.62 -6.70 -0.67
NA NA E . -2.77 -1.94 17.82
C1 CLR F . 5.41 -7.96 -17.71
C2 CLR F . 5.84 -9.39 -17.96
C3 CLR F . 6.38 -10.04 -16.72
C4 CLR F . 5.34 -9.95 -15.59
C5 CLR F . 4.83 -8.55 -15.35
C6 CLR F . 4.81 -8.10 -14.11
C7 CLR F . 4.32 -6.69 -13.73
C8 CLR F . 3.49 -6.07 -14.87
C9 CLR F . 4.24 -6.28 -16.22
C10 CLR F . 4.37 -7.78 -16.60
C11 CLR F . 3.67 -5.40 -17.34
C12 CLR F . 3.46 -3.93 -16.94
C13 CLR F . 2.54 -3.86 -15.71
C14 CLR F . 3.38 -4.61 -14.60
C15 CLR F . 2.73 -4.20 -13.24
C16 CLR F . 2.08 -2.79 -13.55
C17 CLR F . 2.42 -2.44 -15.05
C18 CLR F . 1.19 -4.47 -15.92
C19 CLR F . 3.00 -8.33 -17.06
C20 CLR F . 1.33 -1.53 -15.64
C21 CLR F . 1.60 -1.07 -17.07
C22 CLR F . 1.33 -0.23 -14.74
C23 CLR F . 0.08 0.62 -15.01
C24 CLR F . -0.15 1.39 -13.68
C25 CLR F . -1.43 2.23 -13.81
C26 CLR F . -1.77 2.77 -12.41
C27 CLR F . -1.34 3.31 -14.88
O1 CLR F . 6.77 -11.38 -16.91
C1 CLR G . 10.51 -5.30 -16.20
C2 CLR G . 10.87 -6.75 -16.47
C3 CLR G . 10.67 -7.62 -15.27
C4 CLR G . 9.23 -7.47 -14.73
C5 CLR G . 8.77 -6.04 -14.56
C6 CLR G . 8.15 -5.71 -13.45
C7 CLR G . 7.63 -4.30 -13.15
C8 CLR G . 7.54 -3.47 -14.43
C9 CLR G . 8.88 -3.63 -15.22
C10 CLR G . 9.08 -5.09 -15.73
C11 CLR G . 9.08 -2.57 -16.32
C12 CLR G . 8.74 -1.14 -15.86
C13 CLR G . 7.30 -1.10 -15.35
C14 CLR G . 7.34 -2.03 -14.07
C15 CLR G . 6.06 -1.67 -13.25
C16 CLR G . 5.71 -0.20 -13.71
C17 CLR G . 6.88 0.26 -14.65
C18 CLR G . 6.28 -1.54 -16.36
C19 CLR G . 8.10 -5.38 -16.88
C20 CLR G . 6.39 1.35 -15.60
C21 CLR G . 7.48 1.96 -16.49
C22 CLR G . 5.87 2.50 -14.66
C23 CLR G . 4.35 2.62 -14.68
C24 CLR G . 4.05 3.98 -13.99
C25 CLR G . 3.23 4.84 -14.98
C26 CLR G . 4.19 5.30 -16.07
C27 CLR G . 2.45 5.97 -14.30
O1 CLR G . 10.96 -8.98 -15.50
C1 CLR H . -3.20 -7.36 -17.99
C2 CLR H . -2.14 -8.36 -18.38
C3 CLR H . -1.09 -7.78 -19.28
C4 CLR H . -0.49 -6.51 -18.62
C5 CLR H . -1.52 -5.52 -18.13
C6 CLR H . -1.35 -4.24 -18.44
C7 CLR H . -2.32 -3.13 -18.00
C8 CLR H . -3.22 -3.61 -16.86
C9 CLR H . -3.78 -5.02 -17.21
C10 CLR H . -2.68 -6.11 -17.31
C11 CLR H . -4.97 -5.42 -16.32
C12 CLR H . -6.03 -4.33 -16.18
C13 CLR H . -5.39 -3.06 -15.60
C14 CLR H . -4.34 -2.64 -16.71
C15 CLR H . -3.99 -1.16 -16.34
C16 CLR H . -5.28 -0.62 -15.61
C17 CLR H . -6.32 -1.80 -15.63
C18 CLR H . -4.76 -3.26 -14.25
C19 CLR H . -2.15 -6.44 -15.90
C20 CLR H . -7.31 -1.70 -14.47
C21 CLR H . -8.49 -2.67 -14.54
C22 CLR H . -7.91 -0.24 -14.54
C23 CLR H . -8.65 0.04 -15.86
C24 CLR H . -9.45 1.34 -15.55
C25 CLR H . -9.98 1.93 -16.87
C26 CLR H . -10.98 0.91 -17.46
C27 CLR H . -8.88 2.36 -17.84
O1 CLR H . -0.06 -8.67 -19.64
C1 CLR I . 16.72 -7.34 -1.93
C2 CLR I . 17.32 -8.67 -1.53
C3 CLR I . 18.26 -9.23 -2.55
C4 CLR I . 19.34 -8.17 -2.90
C5 CLR I . 18.77 -6.81 -3.23
C6 CLR I . 19.18 -6.22 -4.33
C7 CLR I . 18.68 -4.84 -4.78
C8 CLR I . 18.08 -4.08 -3.60
C9 CLR I . 17.07 -5.00 -2.84
C10 CLR I . 17.75 -6.26 -2.23
C11 CLR I . 16.20 -4.22 -1.85
C12 CLR I . 15.56 -2.95 -2.44
C13 CLR I . 16.67 -2.03 -2.97
C14 CLR I . 17.34 -2.89 -4.12
C15 CLR I . 18.16 -1.86 -4.95
C16 CLR I . 17.31 -0.54 -4.85
C17 CLR I . 16.13 -0.81 -3.82
C18 CLR I . 17.66 -1.59 -1.94
C19 CLR I . 18.49 -5.87 -0.92
C20 CLR I . 15.87 0.46 -3.02
C21 CLR I . 14.90 0.29 -1.83
C22 CLR I . 15.16 1.43 -4.05
C23 CLR I . 15.44 2.91 -3.73
C24 CLR I . 14.93 3.69 -4.98
C25 CLR I . 13.59 4.37 -4.64
C26 CLR I . 12.68 4.23 -5.86
C27 CLR I . 13.76 5.82 -4.17
O1 CLR I . 18.89 -10.43 -2.17
C1 CLR J . 11.51 19.40 10.75
C2 CLR J . 11.29 20.85 10.36
C3 CLR J . 10.53 21.61 11.42
C4 CLR J . 11.30 21.51 12.75
C5 CLR J . 11.63 20.09 13.16
C6 CLR J . 11.37 19.73 14.40
C7 CLR J . 11.64 18.33 14.96
C8 CLR J . 12.53 17.50 14.02
C9 CLR J . 12.13 17.73 12.54
C10 CLR J . 12.26 19.20 12.07
C11 CLR J . 12.83 16.73 11.61
C12 CLR J . 12.64 15.26 12.04
C13 CLR J . 13.17 15.07 13.48
C14 CLR J . 12.31 16.06 14.35
C15 CLR J . 12.58 15.62 15.82
C16 CLR J . 12.79 14.06 15.69
C17 CLR J . 12.71 13.72 14.15
C18 CLR J . 14.65 15.30 13.61
C19 CLR J . 13.74 19.57 11.92
C20 CLR J . 13.57 12.48 13.89
C21 CLR J . 13.65 12.05 12.42
C22 CLR J . 12.83 11.36 14.72
C23 CLR J . 13.16 9.92 14.28
C24 CLR J . 14.65 9.71 14.74
C25 CLR J . 14.69 8.64 15.85
C26 CLR J . 14.27 7.30 15.21
C27 CLR J . 13.89 9.02 17.10
O1 CLR J . 10.29 22.95 11.08
C1 CLR K . 8.10 17.98 22.13
C2 CLR K . 7.68 19.42 22.08
C3 CLR K . 8.64 20.31 22.81
C4 CLR K . 10.04 20.14 22.21
C5 CLR K . 10.50 18.69 22.14
C6 CLR K . 11.72 18.41 22.55
C7 CLR K . 12.32 16.99 22.52
C8 CLR K . 11.47 16.04 21.67
C9 CLR K . 9.96 16.27 21.99
C10 CLR K . 9.49 17.68 21.57
C11 CLR K . 9.06 15.14 21.47
C12 CLR K . 9.57 13.74 21.85
C13 CLR K . 10.99 13.54 21.29
C14 CLR K . 11.84 14.63 22.04
C15 CLR K . 13.32 14.21 21.77
C16 CLR K . 13.23 12.64 21.68
C17 CLR K . 11.71 12.24 21.83
C18 CLR K . 11.07 13.65 19.79
C19 CLR K . 9.47 17.81 20.03
C20 CLR K . 11.44 10.95 21.05
C21 CLR K . 9.96 10.57 20.96
C22 CLR K . 12.15 9.83 21.89
C23 CLR K . 12.33 8.55 21.06
C24 CLR K . 13.16 7.60 22.00
C25 CLR K . 13.59 6.38 21.16
C26 CLR K . 14.86 6.79 20.39
C27 CLR K . 13.76 5.10 21.99
O1 CLR K . 8.27 21.68 22.81
C1 CLR L . -19.51 14.16 -8.41
C2 CLR L . -20.13 15.54 -8.60
C3 CLR L . -19.38 16.35 -9.61
C4 CLR L . -19.39 15.60 -10.95
C5 CLR L . -18.86 14.18 -10.86
C6 CLR L . -18.01 13.76 -11.77
C7 CLR L . -17.40 12.34 -11.81
C8 CLR L . -18.08 11.40 -10.80
C9 CLR L . -18.36 12.18 -9.47
C10 CLR L . -19.40 13.32 -9.68
C11 CLR L . -18.69 11.26 -8.30
C12 CLR L . -17.67 10.12 -8.13
C13 CLR L . -17.65 9.27 -9.41
C14 CLR L . -17.14 10.27 -10.51
C15 CLR L . -16.76 9.34 -11.71
C16 CLR L . -16.32 7.99 -11.01
C17 CLR L . -16.48 8.22 -9.45
C18 CLR L . -18.98 8.65 -9.75
C19 CLR L . -20.76 12.74 -10.07
C20 CLR L . -16.75 6.89 -8.77
C21 CLR L . -17.07 6.98 -7.27
C22 CLR L . -15.40 6.11 -8.90
C23 CLR L . -15.59 4.71 -9.52
C24 CLR L . -15.82 3.75 -8.31
C25 CLR L . -14.75 2.65 -8.33
C26 CLR L . -14.79 1.93 -6.99
C27 CLR L . -14.88 1.72 -9.54
O1 CLR L . -19.88 17.66 -9.78
C27 PEE M . -6.90 -0.55 14.57
C26 PEE M . -6.48 -1.09 15.92
C25 PEE M . -5.61 -2.34 15.78
C24 PEE M . -6.40 -3.50 15.20
C23 PEE M . -5.92 -4.87 15.68
C22 PEE M . -5.92 -5.87 14.54
C21 PEE M . -4.62 -5.95 13.76
C20 PEE M . -3.66 -7.02 14.27
C19 PEE M . -3.36 -8.10 13.24
C18 PEE M . -4.60 -8.69 12.60
C17 PEE M . -4.37 -10.12 12.10
C16 PEE M . -3.36 -10.10 10.95
C15 PEE M . -2.66 -11.45 10.75
C14 PEE M . -1.78 -11.80 11.95
C13 PEE M . -1.09 -13.16 11.82
C12 PEE M . -2.07 -14.26 11.38
C11 PEE M . -1.67 -15.64 11.93
C10 PEE M . -0.19 -15.83 11.79
O4 PEE M . 0.64 -15.47 12.61
O2 PEE M . 0.19 -16.45 10.64
C2 PEE M . 0.89 -17.68 10.71
C1 PEE M . 2.34 -17.35 11.20
O3P PEE M . 3.06 -18.54 11.15
P PEE M . 3.54 -19.29 9.74
O2P PEE M . 4.66 -18.50 9.14
O1P PEE M . 2.36 -19.98 9.17
O4P PEE M . 4.38 -20.55 10.69
C4 PEE M . 4.00 -21.85 10.53
C5 PEE M . 5.23 -22.62 9.96
N PEE M . 6.33 -22.63 11.02
C3 PEE M . 0.15 -18.60 11.72
O3 PEE M . 0.78 -18.54 12.99
C30 PEE M . 0.78 -19.63 13.80
O5 PEE M . 1.06 -20.74 13.34
C31 PEE M . 0.44 -19.33 15.23
C32 PEE M . -0.88 -18.55 15.30
C33 PEE M . -1.14 -17.86 16.63
C34 PEE M . -1.62 -16.40 16.49
C35 PEE M . -3.09 -16.28 16.12
C36 PEE M . -3.44 -14.93 15.48
C37 PEE M . -4.45 -14.10 16.29
C38 PEE M . -4.25 -12.59 16.10
C39 PEE M . -4.85 -11.76 17.24
C40 PEE M . -5.25 -10.33 16.82
C41 PEE M . -4.68 -9.23 17.73
C42 PEE M . -5.53 -7.95 17.71
C43 PEE M . -6.45 -7.81 18.92
C44 PEE M . -6.79 -6.37 19.29
C45 PEE M . -8.28 -6.01 19.30
C46 PEE M . -8.53 -4.52 19.11
C47 PEE M . -9.99 -4.23 18.81
C27 PEE N . -14.62 11.38 14.39
C26 PEE N . -14.10 10.30 13.45
C25 PEE N . -13.40 9.19 14.23
C24 PEE N . -12.73 8.18 13.29
C23 PEE N . -11.45 7.59 13.88
C22 PEE N . -10.31 8.58 13.69
C21 PEE N . -9.22 8.54 14.76
C20 PEE N . -9.12 9.78 15.62
C19 PEE N . -7.75 10.41 15.54
C18 PEE N . -7.67 11.73 16.29
C17 PEE N . -8.47 12.82 15.61
C16 PEE N . -8.88 13.84 16.65
C15 PEE N . -9.31 15.15 16.03
C14 PEE N . -10.03 16.01 17.05
C13 PEE N . -9.98 17.49 16.70
C12 PEE N . -9.53 18.31 17.90
C11 PEE N . -10.50 18.16 19.08
C10 PEE N . -9.77 18.48 20.35
O4 PEE N . -9.31 19.57 20.62
O2 PEE N . -9.65 17.43 21.20
C2 PEE N . -10.56 17.26 22.28
C1 PEE N . -11.01 18.68 22.76
O3P PEE N . -11.98 19.16 21.88
P PEE N . -12.04 20.72 21.28
O2P PEE N . -12.44 20.67 19.84
O1P PEE N . -11.06 21.54 22.03
O4P PEE N . -13.56 21.04 22.12
C4 PEE N . -13.54 21.35 23.45
C5 PEE N . -13.14 22.85 23.56
N PEE N . -14.37 23.64 24.01
C3 PEE N . -11.76 16.42 21.77
O3 PEE N . -11.32 15.44 20.85
C30 PEE N . -10.48 14.43 21.24
O5 PEE N . -9.76 14.56 22.23
C31 PEE N . -10.54 13.20 20.35
C32 PEE N . -9.34 12.28 20.60
C33 PEE N . -9.42 10.94 19.86
C34 PEE N . -8.29 9.97 20.22
C35 PEE N . -8.60 8.51 19.91
C36 PEE N . -7.36 7.66 19.63
C37 PEE N . -7.67 6.36 18.86
C38 PEE N . -6.44 5.78 18.17
C39 PEE N . -6.43 4.24 18.06
C40 PEE N . -5.01 3.69 18.22
C41 PEE N . -4.88 2.17 18.16
C42 PEE N . -3.64 1.71 18.96
C43 PEE N . -2.32 2.18 18.33
C44 PEE N . -1.45 3.11 19.21
C45 PEE N . -1.35 4.56 18.71
C46 PEE N . -0.19 5.33 19.32
C47 PEE N . -0.19 6.78 18.87
#